data_1H78
#
_entry.id   1H78
#
_cell.length_a   97.935
_cell.length_b   97.935
_cell.length_c   242.515
_cell.angle_alpha   90.00
_cell.angle_beta   90.00
_cell.angle_gamma   90.00
#
_symmetry.space_group_name_H-M   'P 43 21 2'
#
loop_
_entity.id
_entity.type
_entity.pdbx_description
1 polymer 'ANAEROBIC RIBONUCLEOTIDE-TRIPHOSPHATE REDUCTASE LARGE CHAIN'
2 non-polymer "2'-DEOXYCYTIDINE-5'-TRIPHOSPHATE"
3 non-polymer 'MAGNESIUM ION'
4 water water
#
_entity_poly.entity_id   1
_entity_poly.type   'polypeptide(L)'
_entity_poly.pdbx_seq_one_letter_code
;MTIEKEIEGLIHKTNKDLLNENANKDSRVFPTQRDLMAGIVSKHIAKNMVPSFIMKAHESGIIHVHDIDYSPALPFTNCC
LVDLKGMLENGFKLGNAQIETPKSIGVATAIMAQITAQVASHQYGGTTFANVDKVLSPYVKRTYAKHIEDAEKWQIADAL
NYAQSKTEKDVYDAFQAYEYEVNTLFSSNGQTPFVTITFGTGTDWTERMIQKAILKNRIKGLGRDGITPIFPKLVMFVEE
GVNLYKDDPNYDIKQLALECASKRMYPDIISAKNNKAITGSSVPVSPMGCRSFLSVWKDSTGNEILDGRNNLGVVTLNLP
RIALDSYIGTQFNEQKFVELFNERMDLCFEALMCRISSLKGVKATVAPILYQEGAFGVRLKPDDDIIELFKNGRSSVSLG
YIGIHELNILVGRDIGREILTKMNAHLKQWTERTGFAFSLYSTPAENLCYRFCKLDTEKYGSVKDVTDKGWYTNSFHVSV
EENITPFEKISREAPYHFIATGGHISYVELPDMKNNLKGLEAVWDYAAQHLDYFGVNMPVDKCFTCGSTHEMTPTENGFV
CSICGETDPKKMNTIRRTCAYLGNPNERGFNLGKNKEIMHRVKHQ
;
_entity_poly.pdbx_strand_id   A
#
# COMPACT_ATOMS: atom_id res chain seq x y z
N ASP A 26 9.68 17.09 -6.55
CA ASP A 26 10.26 18.42 -6.96
C ASP A 26 10.48 19.30 -5.73
N SER A 27 11.71 19.80 -5.55
CA SER A 27 12.03 20.60 -4.37
C SER A 27 11.95 22.13 -4.43
N ARG A 28 12.12 22.73 -5.61
CA ARG A 28 12.06 24.18 -5.79
C ARG A 28 10.61 24.74 -5.68
N VAL A 29 9.64 23.87 -5.86
CA VAL A 29 8.20 24.18 -5.81
C VAL A 29 7.68 24.62 -4.39
N PHE A 30 6.89 25.70 -4.35
CA PHE A 30 6.33 26.19 -3.09
C PHE A 30 5.74 25.13 -2.14
N PRO A 31 4.80 24.29 -2.63
CA PRO A 31 4.21 23.30 -1.69
C PRO A 31 5.21 22.40 -0.98
N THR A 32 6.27 22.05 -1.71
CA THR A 32 7.31 21.22 -1.15
C THR A 32 8.19 21.94 -0.13
N GLN A 33 8.55 23.17 -0.42
CA GLN A 33 9.31 24.00 0.47
C GLN A 33 8.57 24.19 1.82
N ARG A 34 7.26 24.55 1.77
CA ARG A 34 6.46 24.73 2.98
C ARG A 34 6.44 23.44 3.83
N ASP A 35 6.33 22.34 3.12
CA ASP A 35 6.26 21.08 3.78
C ASP A 35 7.60 20.76 4.49
N LEU A 36 8.74 21.07 3.83
CA LEU A 36 10.04 20.85 4.45
C LEU A 36 10.14 21.75 5.71
N MET A 37 9.54 22.93 5.69
CA MET A 37 9.62 23.73 6.88
C MET A 37 8.90 23.04 8.03
N ALA A 38 7.68 22.53 7.79
CA ALA A 38 6.93 21.82 8.82
C ALA A 38 7.70 20.56 9.24
N GLY A 39 8.34 19.90 8.28
CA GLY A 39 9.13 18.74 8.54
C GLY A 39 10.34 19.02 9.45
N ILE A 40 11.05 20.13 9.20
CA ILE A 40 12.19 20.53 10.02
C ILE A 40 11.67 20.81 11.47
N VAL A 41 10.60 21.60 11.62
CA VAL A 41 10.08 21.88 12.94
C VAL A 41 9.71 20.56 13.64
N SER A 42 9.08 19.66 12.90
CA SER A 42 8.68 18.38 13.42
C SER A 42 9.85 17.49 13.79
N LYS A 43 10.92 17.47 13.01
CA LYS A 43 12.06 16.64 13.41
C LYS A 43 12.66 17.23 14.67
N HIS A 44 12.65 18.55 14.79
CA HIS A 44 13.19 19.19 15.96
C HIS A 44 12.34 18.77 17.14
N ILE A 45 11.00 18.91 17.03
CA ILE A 45 10.11 18.54 18.14
C ILE A 45 10.27 17.06 18.55
N ALA A 46 10.48 16.18 17.57
CA ALA A 46 10.61 14.78 17.90
C ALA A 46 11.82 14.58 18.78
N LYS A 47 12.87 15.35 18.54
CA LYS A 47 14.14 15.32 19.29
C LYS A 47 13.87 15.61 20.78
N ASN A 48 12.87 16.44 21.07
CA ASN A 48 12.56 16.73 22.46
C ASN A 48 11.49 15.85 23.03
N MET A 49 11.00 14.87 22.27
CA MET A 49 9.91 14.01 22.76
C MET A 49 10.33 12.52 22.78
N VAL A 50 11.15 12.12 21.83
CA VAL A 50 11.54 10.74 21.75
C VAL A 50 12.70 10.48 22.70
N PRO A 51 12.58 9.45 23.55
CA PRO A 51 13.68 9.15 24.47
C PRO A 51 14.96 9.08 23.66
N SER A 52 15.95 9.75 24.23
CA SER A 52 17.29 9.82 23.69
C SER A 52 17.88 8.50 23.08
N PHE A 53 17.77 7.37 23.77
CA PHE A 53 18.34 6.15 23.26
C PHE A 53 17.66 5.69 21.98
N ILE A 54 16.39 6.04 21.82
CA ILE A 54 15.70 5.72 20.57
C ILE A 54 16.22 6.64 19.44
N MET A 55 16.30 7.94 19.69
CA MET A 55 16.84 8.83 18.68
C MET A 55 18.28 8.44 18.29
N LYS A 56 19.15 8.06 19.26
CA LYS A 56 20.50 7.71 18.80
C LYS A 56 20.57 6.49 17.95
N ALA A 57 19.75 5.49 18.28
CA ALA A 57 19.73 4.26 17.51
C ALA A 57 19.25 4.60 16.12
N HIS A 58 18.33 5.59 16.06
CA HIS A 58 17.78 6.08 14.79
C HIS A 58 18.83 6.83 13.98
N GLU A 59 19.55 7.74 14.62
CA GLU A 59 20.62 8.52 13.98
C GLU A 59 21.72 7.58 13.53
N SER A 60 22.01 6.55 14.30
CA SER A 60 23.08 5.69 13.85
C SER A 60 22.75 4.63 12.84
N GLY A 61 21.46 4.48 12.50
CA GLY A 61 21.10 3.46 11.53
C GLY A 61 20.85 2.07 12.06
N ILE A 62 20.80 1.93 13.39
CA ILE A 62 20.49 0.65 14.05
C ILE A 62 19.01 0.30 13.69
N ILE A 63 18.15 1.30 13.74
CA ILE A 63 16.72 1.18 13.39
C ILE A 63 16.41 2.46 12.61
N HIS A 64 15.19 2.53 12.10
CA HIS A 64 14.72 3.70 11.39
C HIS A 64 13.31 4.01 11.80
N VAL A 65 13.12 5.13 12.47
CA VAL A 65 11.79 5.53 12.86
C VAL A 65 11.21 6.24 11.63
N HIS A 66 10.26 5.63 10.95
CA HIS A 66 9.72 6.31 9.75
C HIS A 66 8.90 7.61 10.04
N ASP A 67 8.78 8.47 9.01
CA ASP A 67 7.95 9.67 9.13
C ASP A 67 8.16 10.56 10.34
N ILE A 68 9.40 10.63 10.79
CA ILE A 68 9.77 11.43 11.93
C ILE A 68 9.51 12.92 11.59
N ASP A 69 9.39 13.25 10.32
CA ASP A 69 9.05 14.60 9.92
C ASP A 69 7.53 14.92 10.10
N TYR A 70 6.73 13.91 10.51
CA TYR A 70 5.29 14.14 10.80
C TYR A 70 4.95 13.80 12.28
N SER A 71 5.47 12.65 12.71
CA SER A 71 5.21 12.08 14.03
C SER A 71 6.51 11.75 14.75
N PRO A 72 6.51 11.90 16.07
CA PRO A 72 5.34 12.35 16.89
C PRO A 72 5.05 13.80 17.11
N ALA A 73 5.67 14.73 16.38
CA ALA A 73 5.35 16.16 16.60
C ALA A 73 3.83 16.37 16.60
N LEU A 74 3.13 15.70 15.68
CA LEU A 74 1.67 15.78 15.57
C LEU A 74 1.14 14.32 15.65
N PRO A 75 -0.05 14.13 16.24
CA PRO A 75 -0.61 12.78 16.40
C PRO A 75 -1.23 12.14 15.18
N PHE A 76 -0.47 12.14 14.10
CA PHE A 76 -0.85 11.55 12.82
C PHE A 76 -0.80 10.02 12.92
N THR A 77 -1.56 9.35 12.07
CA THR A 77 -1.53 7.91 11.99
C THR A 77 -0.95 7.80 10.60
N ASN A 78 -0.76 6.56 10.15
CA ASN A 78 -0.15 6.26 8.91
C ASN A 78 -1.05 5.93 7.68
N CYS A 79 -1.37 4.66 7.41
CA CYS A 79 -2.12 4.38 6.20
C CYS A 79 -3.49 3.79 6.58
N CYS A 80 -4.40 3.66 5.64
CA CYS A 80 -5.73 3.14 6.01
C CYS A 80 -6.54 2.61 4.84
N LEU A 81 -7.61 1.88 5.17
CA LEU A 81 -8.58 1.46 4.13
C LEU A 81 -9.68 2.46 4.46
N VAL A 82 -10.06 3.31 3.52
CA VAL A 82 -11.13 4.26 3.83
C VAL A 82 -12.51 3.56 3.78
N ASP A 83 -13.35 3.81 4.78
CA ASP A 83 -14.71 3.19 4.75
C ASP A 83 -15.62 4.06 3.86
N LEU A 84 -15.29 4.09 2.57
CA LEU A 84 -16.09 4.83 1.60
C LEU A 84 -17.55 4.31 1.56
N LYS A 85 -17.70 2.98 1.56
CA LYS A 85 -19.04 2.43 1.53
C LYS A 85 -19.92 3.02 2.64
N GLY A 86 -19.40 3.01 3.88
CA GLY A 86 -20.13 3.54 5.00
C GLY A 86 -20.30 5.04 4.86
N MET A 87 -19.36 5.74 4.20
CA MET A 87 -19.57 7.17 4.06
C MET A 87 -20.63 7.53 3.00
N LEU A 88 -20.62 6.86 1.86
CA LEU A 88 -21.58 7.12 0.82
C LEU A 88 -23.03 6.71 1.20
N GLU A 89 -23.20 5.68 2.01
CA GLU A 89 -24.54 5.22 2.32
C GLU A 89 -25.18 5.94 3.44
N ASN A 90 -24.41 6.24 4.47
CA ASN A 90 -25.01 7.00 5.53
C ASN A 90 -24.65 8.34 5.05
N GLY A 91 -24.92 9.41 5.70
CA GLY A 91 -24.25 10.51 4.96
C GLY A 91 -22.87 10.73 5.63
N PHE A 92 -22.35 11.93 5.55
CA PHE A 92 -21.13 12.32 6.27
C PHE A 92 -20.96 13.83 6.00
N LYS A 93 -20.36 14.51 6.95
CA LYS A 93 -20.09 15.95 6.86
C LYS A 93 -18.67 16.22 6.23
N LEU A 94 -18.60 17.04 5.19
CA LEU A 94 -17.31 17.42 4.59
C LEU A 94 -17.30 18.96 4.80
N GLY A 95 -16.62 19.36 5.87
CA GLY A 95 -16.58 20.75 6.30
C GLY A 95 -17.86 20.87 7.10
N ASN A 96 -18.73 21.79 6.69
CA ASN A 96 -20.02 21.93 7.35
C ASN A 96 -21.14 21.34 6.50
N ALA A 97 -20.79 21.01 5.26
CA ALA A 97 -21.73 20.45 4.33
C ALA A 97 -22.04 18.93 4.57
N GLN A 98 -23.32 18.65 4.78
CA GLN A 98 -23.87 17.31 5.03
C GLN A 98 -24.06 16.61 3.68
N ILE A 99 -23.09 15.83 3.25
CA ILE A 99 -23.15 15.14 1.96
C ILE A 99 -24.14 13.98 2.00
N GLU A 100 -24.82 13.77 0.88
CA GLU A 100 -25.81 12.71 0.85
C GLU A 100 -25.41 11.65 -0.13
N THR A 101 -26.05 10.48 -0.06
CA THR A 101 -25.74 9.40 -0.97
C THR A 101 -25.69 9.91 -2.39
N PRO A 102 -24.59 9.66 -3.08
CA PRO A 102 -24.61 10.20 -4.45
C PRO A 102 -25.74 9.56 -5.32
N LYS A 103 -26.21 10.30 -6.34
CA LYS A 103 -27.30 9.86 -7.21
C LYS A 103 -26.80 9.48 -8.60
N SER A 104 -25.51 9.28 -8.75
CA SER A 104 -24.93 8.97 -10.07
C SER A 104 -23.50 8.52 -9.85
N ILE A 105 -22.98 7.78 -10.80
CA ILE A 105 -21.64 7.28 -10.69
C ILE A 105 -20.62 8.43 -10.74
N GLY A 106 -20.85 9.39 -11.63
CA GLY A 106 -19.94 10.52 -11.76
C GLY A 106 -19.78 11.33 -10.48
N VAL A 107 -20.86 11.47 -9.73
CA VAL A 107 -20.87 12.21 -8.48
C VAL A 107 -20.32 11.36 -7.35
N ALA A 108 -20.30 10.05 -7.52
CA ALA A 108 -19.79 9.28 -6.42
C ALA A 108 -18.26 9.21 -6.55
N THR A 109 -17.70 9.27 -7.76
CA THR A 109 -16.29 9.18 -7.84
C THR A 109 -15.77 10.60 -7.56
N ALA A 110 -16.60 11.60 -7.80
CA ALA A 110 -16.15 12.97 -7.56
C ALA A 110 -16.02 13.12 -6.05
N ILE A 111 -17.00 12.60 -5.31
CA ILE A 111 -16.99 12.59 -3.86
C ILE A 111 -15.78 11.72 -3.35
N MET A 112 -15.49 10.63 -4.05
CA MET A 112 -14.44 9.78 -3.64
C MET A 112 -13.11 10.59 -3.69
N ALA A 113 -12.96 11.38 -4.75
CA ALA A 113 -11.81 12.22 -4.96
C ALA A 113 -11.74 13.32 -3.86
N GLN A 114 -12.89 13.83 -3.48
CA GLN A 114 -12.92 14.81 -2.43
C GLN A 114 -12.52 14.23 -1.05
N ILE A 115 -12.82 12.96 -0.85
CA ILE A 115 -12.54 12.27 0.41
C ILE A 115 -11.05 11.97 0.42
N THR A 116 -10.55 11.59 -0.75
CA THR A 116 -9.15 11.32 -1.00
C THR A 116 -8.32 12.56 -0.61
N ALA A 117 -8.77 13.76 -0.99
CA ALA A 117 -8.01 14.96 -0.65
C ALA A 117 -8.02 15.19 0.86
N GLN A 118 -9.14 14.91 1.50
CA GLN A 118 -9.28 15.06 2.92
C GLN A 118 -8.40 14.11 3.71
N VAL A 119 -8.42 12.85 3.33
CA VAL A 119 -7.71 11.79 4.00
C VAL A 119 -6.23 12.00 3.82
N ALA A 120 -5.81 12.35 2.62
CA ALA A 120 -4.39 12.57 2.37
C ALA A 120 -3.84 13.68 3.27
N SER A 121 -4.60 14.72 3.50
CA SER A 121 -4.02 15.70 4.38
C SER A 121 -4.21 15.45 5.89
N HIS A 122 -4.66 14.26 6.32
CA HIS A 122 -4.80 14.06 7.75
C HIS A 122 -4.06 12.80 8.23
N GLN A 123 -3.30 12.16 7.34
CA GLN A 123 -2.52 11.03 7.77
C GLN A 123 -1.23 11.22 7.00
N TYR A 124 -0.15 10.54 7.32
CA TYR A 124 1.03 10.76 6.47
C TYR A 124 1.34 9.61 5.49
N GLY A 125 0.61 8.48 5.60
CA GLY A 125 0.77 7.32 4.75
C GLY A 125 -0.33 7.20 3.71
N GLY A 126 -0.28 6.15 2.89
CA GLY A 126 -1.22 5.95 1.78
C GLY A 126 -2.69 5.73 2.13
N THR A 127 -3.52 6.00 1.18
CA THR A 127 -4.89 5.82 1.45
C THR A 127 -5.44 4.83 0.40
N THR A 128 -6.17 3.84 0.86
CA THR A 128 -6.72 2.87 -0.08
C THR A 128 -8.23 2.82 -0.18
N PHE A 129 -8.75 2.78 -1.40
CA PHE A 129 -10.18 2.53 -1.57
C PHE A 129 -10.27 1.08 -2.07
N ALA A 130 -10.64 0.18 -1.14
CA ALA A 130 -10.80 -1.26 -1.44
C ALA A 130 -12.12 -1.61 -2.16
N ASN A 131 -12.00 -2.50 -3.17
CA ASN A 131 -13.14 -3.01 -3.93
C ASN A 131 -14.03 -1.92 -4.48
N VAL A 132 -13.49 -1.03 -5.32
CA VAL A 132 -14.34 0.04 -5.82
C VAL A 132 -15.40 -0.47 -6.78
N ASP A 133 -15.17 -1.68 -7.28
CA ASP A 133 -16.13 -2.26 -8.19
C ASP A 133 -17.38 -2.57 -7.38
N LYS A 134 -17.21 -3.12 -6.19
CA LYS A 134 -18.35 -3.48 -5.31
C LYS A 134 -18.96 -2.23 -4.67
N VAL A 135 -18.11 -1.38 -4.11
CA VAL A 135 -18.60 -0.22 -3.44
C VAL A 135 -19.30 0.76 -4.40
N LEU A 136 -18.72 1.05 -5.55
CA LEU A 136 -19.38 2.00 -6.40
C LEU A 136 -20.57 1.45 -7.26
N SER A 137 -20.63 0.13 -7.41
CA SER A 137 -21.66 -0.61 -8.16
C SER A 137 -23.10 0.01 -8.02
N PRO A 138 -23.55 0.26 -6.78
CA PRO A 138 -24.88 0.85 -6.62
C PRO A 138 -25.07 2.16 -7.42
N TYR A 139 -24.03 2.95 -7.63
CA TYR A 139 -24.23 4.23 -8.34
C TYR A 139 -24.18 4.00 -9.81
N VAL A 140 -23.64 2.88 -10.25
CA VAL A 140 -23.71 2.66 -11.68
C VAL A 140 -25.19 2.32 -12.02
N LYS A 141 -25.90 1.68 -11.07
CA LYS A 141 -27.27 1.31 -11.27
C LYS A 141 -28.17 2.54 -11.24
N ARG A 142 -27.87 3.51 -10.36
CA ARG A 142 -28.72 4.71 -10.33
C ARG A 142 -28.50 5.44 -11.63
N THR A 143 -27.28 5.44 -12.11
CA THR A 143 -27.00 6.11 -13.36
C THR A 143 -27.75 5.45 -14.52
N TYR A 144 -27.83 4.12 -14.49
CA TYR A 144 -28.55 3.35 -15.52
C TYR A 144 -30.04 3.65 -15.50
N ALA A 145 -30.62 3.59 -14.30
CA ALA A 145 -32.02 3.87 -14.09
C ALA A 145 -32.37 5.22 -14.69
N LYS A 146 -31.57 6.25 -14.42
CA LYS A 146 -31.84 7.58 -14.95
C LYS A 146 -31.85 7.62 -16.46
N HIS A 147 -31.01 6.81 -17.08
CA HIS A 147 -30.95 6.77 -18.55
C HIS A 147 -32.12 6.00 -19.19
N ILE A 148 -32.82 5.22 -18.37
CA ILE A 148 -33.97 4.44 -18.78
C ILE A 148 -35.16 5.39 -18.66
N GLU A 149 -35.21 6.11 -17.54
CA GLU A 149 -36.27 7.08 -17.31
C GLU A 149 -36.16 8.18 -18.36
N ASP A 150 -35.00 8.29 -18.96
CA ASP A 150 -34.72 9.28 -20.01
C ASP A 150 -34.97 8.65 -21.39
N ALA A 151 -35.06 7.33 -21.45
CA ALA A 151 -35.30 6.65 -22.72
C ALA A 151 -36.78 6.78 -23.08
N GLU A 152 -37.64 6.76 -22.07
CA GLU A 152 -39.04 6.94 -22.33
C GLU A 152 -39.34 8.42 -22.46
N LYS A 153 -39.06 9.22 -21.42
CA LYS A 153 -39.35 10.65 -21.48
C LYS A 153 -39.02 11.32 -22.82
N TRP A 154 -38.09 10.78 -23.59
CA TRP A 154 -37.78 11.40 -24.87
C TRP A 154 -38.09 10.47 -26.02
N GLN A 155 -38.95 9.49 -25.74
CA GLN A 155 -39.40 8.47 -26.69
C GLN A 155 -38.22 7.92 -27.47
N ILE A 156 -37.38 7.14 -26.81
CA ILE A 156 -36.23 6.60 -27.50
C ILE A 156 -36.49 5.15 -27.90
N ALA A 157 -36.27 4.88 -29.18
CA ALA A 157 -36.49 3.57 -29.75
C ALA A 157 -35.77 2.46 -28.99
N ASP A 158 -34.44 2.51 -29.10
CA ASP A 158 -33.55 1.55 -28.49
C ASP A 158 -33.35 1.70 -26.96
N ALA A 159 -34.40 2.08 -26.22
CA ALA A 159 -34.31 2.27 -24.75
C ALA A 159 -33.20 1.51 -24.01
N LEU A 160 -33.13 0.19 -24.17
CA LEU A 160 -32.11 -0.57 -23.46
C LEU A 160 -30.70 -0.39 -23.94
N ASN A 161 -30.50 -0.24 -25.24
CA ASN A 161 -29.15 -0.08 -25.78
C ASN A 161 -28.64 1.36 -25.58
N TYR A 162 -29.57 2.26 -25.23
CA TYR A 162 -29.27 3.67 -25.00
C TYR A 162 -28.76 3.78 -23.56
N ALA A 163 -29.57 3.32 -22.63
CA ALA A 163 -29.20 3.33 -21.22
C ALA A 163 -27.87 2.59 -21.05
N GLN A 164 -27.63 1.60 -21.91
CA GLN A 164 -26.40 0.83 -21.85
C GLN A 164 -25.21 1.66 -22.32
N SER A 165 -25.37 2.31 -23.46
CA SER A 165 -24.32 3.15 -24.03
C SER A 165 -23.94 4.36 -23.16
N LYS A 166 -24.97 5.13 -22.81
CA LYS A 166 -24.76 6.28 -22.00
C LYS A 166 -24.17 5.87 -20.65
N THR A 167 -24.74 4.88 -19.97
CA THR A 167 -24.17 4.47 -18.68
C THR A 167 -22.68 4.10 -18.84
N GLU A 168 -22.37 3.26 -19.83
CA GLU A 168 -20.99 2.92 -20.07
C GLU A 168 -20.12 4.18 -20.08
N LYS A 169 -20.51 5.16 -20.87
CA LYS A 169 -19.80 6.43 -20.99
C LYS A 169 -19.74 7.22 -19.63
N ASP A 170 -20.77 7.12 -18.81
CA ASP A 170 -20.76 7.85 -17.58
C ASP A 170 -19.79 7.26 -16.55
N VAL A 171 -19.53 5.95 -16.62
CA VAL A 171 -18.65 5.25 -15.69
C VAL A 171 -17.25 5.50 -16.18
N TYR A 172 -17.11 5.60 -17.47
CA TYR A 172 -15.82 5.82 -18.03
C TYR A 172 -15.32 7.22 -17.66
N ASP A 173 -16.21 8.20 -17.85
CA ASP A 173 -15.97 9.62 -17.60
C ASP A 173 -15.63 9.85 -16.11
N ALA A 174 -16.34 9.12 -15.25
CA ALA A 174 -16.19 9.15 -13.82
C ALA A 174 -14.76 8.75 -13.38
N PHE A 175 -14.26 7.67 -13.94
CA PHE A 175 -12.94 7.21 -13.56
C PHE A 175 -11.84 7.96 -14.23
N GLN A 176 -12.15 8.61 -15.35
CA GLN A 176 -11.18 9.44 -16.05
C GLN A 176 -11.00 10.69 -15.17
N ALA A 177 -12.13 11.23 -14.66
CA ALA A 177 -12.11 12.39 -13.81
C ALA A 177 -11.38 12.04 -12.44
N TYR A 178 -11.54 10.83 -11.95
CA TYR A 178 -10.89 10.49 -10.70
C TYR A 178 -9.38 10.57 -10.89
N GLU A 179 -8.91 9.96 -11.99
CA GLU A 179 -7.51 9.95 -12.28
C GLU A 179 -6.88 11.32 -12.37
N TYR A 180 -7.57 12.28 -12.97
CA TYR A 180 -7.01 13.62 -13.09
C TYR A 180 -7.08 14.36 -11.75
N GLU A 181 -8.05 14.03 -10.92
CA GLU A 181 -8.18 14.59 -9.60
C GLU A 181 -6.92 14.20 -8.78
N VAL A 182 -6.60 12.91 -8.81
CA VAL A 182 -5.48 12.36 -8.14
C VAL A 182 -4.19 12.99 -8.64
N ASN A 183 -4.08 13.14 -9.96
CA ASN A 183 -2.91 13.75 -10.58
C ASN A 183 -2.65 15.20 -10.09
N THR A 184 -3.72 15.95 -9.84
CA THR A 184 -3.64 17.31 -9.36
C THR A 184 -3.15 17.38 -7.92
N LEU A 185 -3.71 16.54 -7.06
CA LEU A 185 -3.34 16.40 -5.67
C LEU A 185 -1.86 16.07 -5.58
N PHE A 186 -1.44 15.18 -6.46
CA PHE A 186 -0.07 14.74 -6.47
C PHE A 186 0.86 15.93 -6.83
N SER A 187 0.31 16.95 -7.47
CA SER A 187 1.14 18.08 -7.82
C SER A 187 0.85 19.42 -7.06
N SER A 188 -0.11 19.42 -6.15
CA SER A 188 -0.40 20.66 -5.40
C SER A 188 -0.04 20.49 -3.92
N ASN A 189 0.56 19.33 -3.63
CA ASN A 189 1.01 18.93 -2.30
C ASN A 189 2.52 18.62 -2.41
N THR A 192 2.98 14.08 -2.98
CA THR A 192 2.82 13.42 -1.67
C THR A 192 1.83 12.20 -1.65
N PRO A 193 0.50 12.41 -1.91
CA PRO A 193 -0.65 11.45 -1.93
C PRO A 193 -0.58 10.09 -2.65
N PHE A 194 -0.34 9.03 -1.88
CA PHE A 194 -0.27 7.71 -2.44
C PHE A 194 -1.68 7.12 -2.25
N VAL A 195 -2.35 6.83 -3.34
CA VAL A 195 -3.65 6.26 -3.21
C VAL A 195 -3.75 4.97 -4.00
N THR A 196 -4.47 4.02 -3.42
CA THR A 196 -4.60 2.72 -4.04
C THR A 196 -6.09 2.39 -4.18
N ILE A 197 -6.39 1.89 -5.38
CA ILE A 197 -7.70 1.47 -5.79
C ILE A 197 -7.66 -0.06 -6.02
N THR A 198 -8.46 -0.85 -5.31
CA THR A 198 -8.48 -2.30 -5.56
C THR A 198 -9.89 -2.72 -6.09
N PHE A 199 -9.86 -3.79 -6.87
CA PHE A 199 -11.07 -4.38 -7.45
C PHE A 199 -10.74 -5.81 -7.98
N GLY A 200 -11.75 -6.45 -8.57
CA GLY A 200 -11.55 -7.76 -9.16
C GLY A 200 -12.49 -8.85 -8.66
N THR A 201 -13.03 -8.71 -7.45
CA THR A 201 -13.94 -9.70 -6.94
C THR A 201 -15.38 -9.55 -7.41
N GLY A 202 -15.77 -8.42 -8.00
CA GLY A 202 -17.14 -8.24 -8.43
C GLY A 202 -17.48 -8.87 -9.79
N THR A 203 -18.63 -9.56 -9.86
CA THR A 203 -19.09 -10.26 -11.10
C THR A 203 -20.26 -9.62 -11.80
N ASP A 204 -21.12 -8.97 -11.01
CA ASP A 204 -22.29 -8.26 -11.49
C ASP A 204 -21.89 -7.42 -12.67
N TRP A 205 -22.87 -7.01 -13.45
CA TRP A 205 -22.59 -6.24 -14.63
C TRP A 205 -22.11 -4.85 -14.26
N THR A 206 -22.63 -4.33 -13.16
CA THR A 206 -22.19 -2.99 -12.75
C THR A 206 -20.66 -3.02 -12.35
N GLU A 207 -20.32 -4.02 -11.55
CA GLU A 207 -18.98 -4.27 -11.07
C GLU A 207 -18.07 -4.52 -12.25
N ARG A 208 -18.54 -5.31 -13.19
CA ARG A 208 -17.68 -5.55 -14.34
C ARG A 208 -17.49 -4.25 -15.12
N MET A 209 -18.51 -3.41 -15.20
CA MET A 209 -18.33 -2.17 -15.96
C MET A 209 -17.29 -1.22 -15.31
N ILE A 210 -17.37 -1.07 -13.99
CA ILE A 210 -16.40 -0.27 -13.25
C ILE A 210 -14.93 -0.77 -13.55
N GLN A 211 -14.73 -2.10 -13.48
CA GLN A 211 -13.42 -2.66 -13.69
C GLN A 211 -12.84 -2.32 -15.04
N LYS A 212 -13.65 -2.46 -16.08
CA LYS A 212 -13.21 -2.17 -17.43
C LYS A 212 -12.98 -0.67 -17.61
N ALA A 213 -13.86 0.12 -16.96
CA ALA A 213 -13.73 1.57 -16.98
C ALA A 213 -12.37 1.93 -16.33
N ILE A 214 -12.04 1.31 -15.20
CA ILE A 214 -10.77 1.65 -14.59
C ILE A 214 -9.64 1.20 -15.50
N LEU A 215 -9.70 -0.05 -15.97
CA LEU A 215 -8.64 -0.58 -16.86
C LEU A 215 -8.48 0.15 -18.18
N LYS A 216 -9.60 0.54 -18.78
CA LYS A 216 -9.46 1.25 -20.05
C LYS A 216 -8.90 2.67 -19.91
N ASN A 217 -9.31 3.41 -18.88
CA ASN A 217 -8.72 4.76 -18.68
C ASN A 217 -7.21 4.63 -18.45
N ARG A 218 -6.83 3.59 -17.71
CA ARG A 218 -5.42 3.45 -17.45
C ARG A 218 -4.64 3.20 -18.72
N ILE A 219 -5.13 2.28 -19.57
CA ILE A 219 -4.47 1.97 -20.83
C ILE A 219 -4.35 3.27 -21.64
N LYS A 220 -5.37 4.10 -21.66
CA LYS A 220 -5.26 5.31 -22.47
C LYS A 220 -4.16 6.22 -21.95
N GLY A 221 -4.01 6.29 -20.63
CA GLY A 221 -2.97 7.17 -20.14
C GLY A 221 -3.47 8.59 -19.94
N LEU A 222 -2.53 9.41 -19.51
CA LEU A 222 -2.86 10.79 -19.15
C LEU A 222 -2.43 11.81 -20.13
N GLY A 223 -3.36 12.68 -20.49
CA GLY A 223 -3.07 13.78 -21.40
C GLY A 223 -2.82 13.45 -22.87
N ARG A 224 -2.53 14.50 -23.63
CA ARG A 224 -2.26 14.37 -25.04
C ARG A 224 -1.37 13.18 -25.40
N ASP A 225 -0.23 13.09 -24.75
CA ASP A 225 0.70 12.02 -25.03
C ASP A 225 0.42 10.74 -24.28
N GLY A 226 -0.78 10.60 -23.73
CA GLY A 226 -1.14 9.39 -23.00
C GLY A 226 -0.01 8.77 -22.17
N ILE A 227 0.56 9.55 -21.23
CA ILE A 227 1.69 9.06 -20.42
C ILE A 227 1.16 8.18 -19.33
N THR A 228 2.10 7.50 -18.66
CA THR A 228 1.82 6.56 -17.60
C THR A 228 1.73 7.21 -16.23
N PRO A 229 0.55 7.16 -15.59
CA PRO A 229 0.41 7.77 -14.28
C PRO A 229 1.07 6.96 -13.13
N ILE A 230 1.54 7.65 -12.11
CA ILE A 230 2.20 6.96 -11.02
C ILE A 230 1.21 6.60 -9.92
N PHE A 231 0.04 7.25 -9.94
CA PHE A 231 -1.04 6.97 -9.00
C PHE A 231 -2.33 7.24 -9.75
N PRO A 232 -3.45 6.60 -9.33
CA PRO A 232 -3.59 5.64 -8.22
C PRO A 232 -2.96 4.30 -8.57
N LYS A 233 -2.40 3.62 -7.59
CA LYS A 233 -1.87 2.28 -7.83
C LYS A 233 -3.17 1.44 -8.07
N LEU A 234 -3.11 0.46 -8.96
CA LEU A 234 -4.24 -0.44 -9.21
C LEU A 234 -3.85 -1.84 -8.78
N VAL A 235 -4.66 -2.49 -7.98
CA VAL A 235 -4.38 -3.86 -7.59
C VAL A 235 -5.65 -4.68 -7.87
N MET A 236 -5.49 -5.82 -8.54
CA MET A 236 -6.61 -6.67 -8.89
C MET A 236 -6.62 -8.01 -8.19
N PHE A 237 -7.74 -8.34 -7.58
CA PHE A 237 -7.88 -9.64 -6.98
C PHE A 237 -8.12 -10.66 -8.12
N VAL A 238 -7.38 -11.76 -8.09
CA VAL A 238 -7.62 -12.80 -9.06
C VAL A 238 -8.01 -14.06 -8.28
N GLU A 239 -9.05 -14.72 -8.76
CA GLU A 239 -9.57 -15.91 -8.09
C GLU A 239 -10.21 -16.91 -9.02
N GLU A 240 -9.99 -18.18 -8.67
CA GLU A 240 -10.56 -19.26 -9.44
C GLU A 240 -12.09 -19.13 -9.27
N GLY A 241 -12.80 -19.20 -10.38
CA GLY A 241 -14.24 -19.06 -10.33
C GLY A 241 -14.64 -17.63 -10.65
N VAL A 242 -13.67 -16.73 -10.61
CA VAL A 242 -13.99 -15.37 -10.93
C VAL A 242 -13.29 -14.90 -12.15
N ASN A 243 -11.95 -15.01 -12.16
CA ASN A 243 -11.21 -14.51 -13.32
C ASN A 243 -9.86 -15.09 -13.51
N LEU A 244 -9.63 -16.25 -12.93
CA LEU A 244 -8.32 -16.86 -13.07
C LEU A 244 -8.21 -17.72 -14.34
N TYR A 245 -9.18 -18.63 -14.50
CA TYR A 245 -9.17 -19.56 -15.63
C TYR A 245 -10.00 -19.16 -16.84
N LYS A 246 -9.47 -19.54 -18.00
CA LYS A 246 -10.07 -19.26 -19.31
C LYS A 246 -11.61 -19.25 -19.38
N ASP A 247 -12.24 -19.94 -18.44
CA ASP A 247 -13.70 -20.03 -18.40
C ASP A 247 -14.46 -19.36 -17.26
N ASP A 248 -13.80 -18.56 -16.40
CA ASP A 248 -14.50 -17.89 -15.29
C ASP A 248 -15.25 -16.69 -15.86
N PRO A 249 -16.29 -16.23 -15.17
CA PRO A 249 -17.05 -15.07 -15.68
C PRO A 249 -16.17 -13.88 -16.15
N ASN A 250 -15.13 -13.54 -15.38
CA ASN A 250 -14.33 -12.36 -15.74
C ASN A 250 -12.99 -12.54 -16.42
N TYR A 251 -12.84 -13.65 -17.11
CA TYR A 251 -11.59 -13.88 -17.78
C TYR A 251 -11.30 -12.76 -18.80
N ASP A 252 -12.35 -12.12 -19.30
CA ASP A 252 -12.13 -11.07 -20.27
C ASP A 252 -11.42 -9.88 -19.60
N ILE A 253 -11.76 -9.66 -18.33
CA ILE A 253 -11.12 -8.59 -17.61
C ILE A 253 -9.65 -8.92 -17.35
N LYS A 254 -9.36 -10.15 -16.94
CA LYS A 254 -7.99 -10.54 -16.69
C LYS A 254 -7.14 -10.25 -17.92
N GLN A 255 -7.77 -10.42 -19.09
CA GLN A 255 -7.11 -10.18 -20.38
C GLN A 255 -6.85 -8.70 -20.60
N LEU A 256 -7.80 -7.88 -20.21
CA LEU A 256 -7.63 -6.41 -20.32
C LEU A 256 -6.54 -6.01 -19.28
N ALA A 257 -6.68 -6.56 -18.07
CA ALA A 257 -5.75 -6.33 -16.98
C ALA A 257 -4.36 -6.66 -17.46
N LEU A 258 -4.19 -7.79 -18.14
CA LEU A 258 -2.84 -8.14 -18.64
C LEU A 258 -2.33 -7.09 -19.64
N GLU A 259 -3.20 -6.68 -20.57
CA GLU A 259 -2.82 -5.68 -21.57
C GLU A 259 -2.42 -4.40 -20.81
N CYS A 260 -3.20 -4.04 -19.80
CA CYS A 260 -2.93 -2.86 -19.01
C CYS A 260 -1.58 -2.97 -18.34
N ALA A 261 -1.33 -4.07 -17.65
CA ALA A 261 -0.04 -4.19 -17.00
C ALA A 261 1.09 -4.07 -18.00
N SER A 262 0.97 -4.67 -19.18
CA SER A 262 2.04 -4.58 -20.17
C SER A 262 2.28 -3.17 -20.68
N LYS A 263 1.29 -2.32 -20.52
CA LYS A 263 1.41 -0.96 -21.03
C LYS A 263 1.61 0.13 -19.98
N ARG A 264 1.21 -0.16 -18.75
CA ARG A 264 1.28 0.84 -17.69
C ARG A 264 1.74 0.33 -16.32
N MET A 265 2.29 -0.89 -16.32
CA MET A 265 2.80 -1.61 -15.14
C MET A 265 1.68 -2.10 -14.19
N TYR A 266 0.75 -1.21 -13.85
CA TYR A 266 -0.32 -1.63 -12.98
C TYR A 266 -1.34 -2.25 -13.91
N PRO A 267 -2.23 -3.06 -13.37
CA PRO A 267 -2.29 -3.38 -11.94
C PRO A 267 -1.31 -4.39 -11.44
N ASP A 268 -1.12 -4.48 -10.14
CA ASP A 268 -0.32 -5.53 -9.51
C ASP A 268 -1.49 -6.51 -9.24
N ILE A 269 -1.22 -7.71 -8.74
CA ILE A 269 -2.37 -8.56 -8.43
C ILE A 269 -2.16 -9.18 -7.09
N ILE A 270 -3.29 -9.59 -6.52
CA ILE A 270 -3.29 -10.30 -5.27
C ILE A 270 -4.07 -11.63 -5.47
N SER A 271 -3.46 -12.73 -5.03
CA SER A 271 -4.10 -14.04 -5.13
C SER A 271 -5.07 -14.10 -3.99
N ALA A 272 -6.33 -13.92 -4.33
CA ALA A 272 -7.40 -13.94 -3.34
C ALA A 272 -7.30 -15.13 -2.45
N LYS A 273 -6.88 -16.25 -3.04
CA LYS A 273 -6.77 -17.51 -2.36
C LYS A 273 -5.76 -17.46 -1.20
N ASN A 274 -4.51 -17.11 -1.52
CA ASN A 274 -3.48 -17.07 -0.49
C ASN A 274 -3.72 -15.93 0.51
N ASN A 275 -4.17 -14.80 -0.03
CA ASN A 275 -4.46 -13.63 0.78
C ASN A 275 -5.39 -13.95 1.95
N LYS A 276 -6.50 -14.65 1.69
CA LYS A 276 -7.42 -14.99 2.79
C LYS A 276 -6.80 -15.93 3.84
N ALA A 277 -5.96 -16.89 3.39
CA ALA A 277 -5.30 -17.83 4.33
C ALA A 277 -4.34 -17.05 5.20
N ILE A 278 -3.57 -16.14 4.60
CA ILE A 278 -2.63 -15.33 5.43
C ILE A 278 -3.33 -14.38 6.41
N THR A 279 -4.30 -13.64 5.91
CA THR A 279 -4.96 -12.68 6.77
C THR A 279 -5.99 -13.30 7.68
N GLY A 280 -6.41 -14.53 7.36
CA GLY A 280 -7.44 -15.19 8.13
C GLY A 280 -8.84 -14.59 7.83
N SER A 281 -8.92 -13.75 6.79
CA SER A 281 -10.13 -13.05 6.47
C SER A 281 -11.02 -13.71 5.43
N SER A 282 -12.32 -13.60 5.64
CA SER A 282 -13.30 -14.18 4.70
C SER A 282 -13.31 -13.54 3.32
N VAL A 283 -12.87 -12.28 3.25
CA VAL A 283 -12.79 -11.61 1.96
C VAL A 283 -11.39 -11.08 1.76
N PRO A 284 -10.96 -11.01 0.51
CA PRO A 284 -9.64 -10.52 0.11
C PRO A 284 -9.36 -9.18 0.79
N VAL A 285 -8.16 -9.09 1.38
CA VAL A 285 -7.71 -7.93 2.11
C VAL A 285 -6.85 -7.02 1.21
N SER A 286 -7.34 -5.82 0.93
CA SER A 286 -6.61 -4.88 0.10
C SER A 286 -5.45 -4.26 0.90
N PRO A 287 -4.31 -4.04 0.26
CA PRO A 287 -3.21 -3.41 1.05
C PRO A 287 -3.61 -1.93 1.37
N MET A 288 -3.17 -1.40 2.52
CA MET A 288 -3.38 0.06 2.85
C MET A 288 -2.07 0.66 2.34
N GLY A 289 -2.15 1.72 1.52
CA GLY A 289 -0.93 2.27 0.93
C GLY A 289 -0.31 1.22 -0.02
N CYS A 290 1.01 1.18 -0.11
CA CYS A 290 1.67 0.22 -0.97
C CYS A 290 1.49 -1.25 -0.63
N ARG A 291 1.85 -1.68 0.57
CA ARG A 291 1.71 -3.10 0.86
C ARG A 291 1.45 -3.47 2.29
N SER A 292 0.77 -2.60 3.02
CA SER A 292 0.51 -2.90 4.40
C SER A 292 -0.84 -3.73 4.52
N PHE A 293 -0.75 -4.91 5.09
CA PHE A 293 -1.89 -5.80 5.24
C PHE A 293 -2.37 -5.94 6.64
N LEU A 294 -3.68 -5.73 6.81
CA LEU A 294 -4.35 -5.89 8.08
C LEU A 294 -4.52 -7.38 8.31
N SER A 295 -4.79 -7.77 9.55
CA SER A 295 -5.11 -9.17 9.83
C SER A 295 -6.61 -9.14 10.28
N VAL A 296 -7.35 -10.25 10.09
CA VAL A 296 -8.78 -10.34 10.43
C VAL A 296 -9.10 -9.85 11.83
N TRP A 297 -10.17 -9.07 11.93
CA TRP A 297 -10.56 -8.56 13.24
C TRP A 297 -12.11 -8.43 13.31
N LYS A 298 -12.66 -8.62 14.50
CA LYS A 298 -14.08 -8.54 14.69
C LYS A 298 -14.52 -7.45 15.63
N ASP A 299 -15.65 -6.81 15.31
CA ASP A 299 -16.16 -5.82 16.26
C ASP A 299 -16.85 -6.55 17.44
N SER A 300 -17.31 -5.78 18.41
CA SER A 300 -17.97 -6.27 19.62
C SER A 300 -19.16 -7.24 19.34
N THR A 301 -19.57 -7.31 18.10
CA THR A 301 -20.73 -8.07 17.73
C THR A 301 -20.44 -9.20 16.77
N GLY A 302 -19.14 -9.54 16.65
CA GLY A 302 -18.73 -10.65 15.82
C GLY A 302 -18.51 -10.39 14.38
N ASN A 303 -18.72 -9.15 13.95
CA ASN A 303 -18.53 -8.78 12.55
C ASN A 303 -17.05 -8.56 12.13
N GLU A 304 -16.70 -9.04 10.94
CA GLU A 304 -15.34 -8.89 10.42
C GLU A 304 -15.25 -7.54 9.74
N ILE A 305 -14.50 -6.64 10.35
CA ILE A 305 -14.32 -5.31 9.80
C ILE A 305 -12.99 -5.17 9.04
N LEU A 306 -13.03 -4.58 7.87
CA LEU A 306 -11.80 -4.36 7.14
C LEU A 306 -11.70 -2.82 6.89
N ASP A 307 -12.67 -2.33 6.12
CA ASP A 307 -12.74 -0.95 5.76
C ASP A 307 -12.89 -0.01 6.95
N GLY A 308 -12.08 1.08 6.96
CA GLY A 308 -12.06 2.05 8.04
C GLY A 308 -10.93 1.76 9.04
N ARG A 309 -10.21 0.66 8.86
CA ARG A 309 -9.10 0.33 9.76
C ARG A 309 -7.79 0.94 9.33
N ASN A 310 -6.87 1.11 10.23
CA ASN A 310 -5.63 1.75 9.80
C ASN A 310 -4.38 1.10 10.43
N ASN A 311 -3.23 1.78 10.23
CA ASN A 311 -1.92 1.38 10.72
C ASN A 311 -1.35 2.59 11.52
N LEU A 312 -0.64 2.28 12.60
CA LEU A 312 -0.16 3.33 13.52
C LEU A 312 1.31 3.79 13.30
N GLY A 313 2.04 3.18 12.36
CA GLY A 313 3.40 3.59 12.14
C GLY A 313 4.36 2.43 11.90
N VAL A 314 5.52 2.79 11.39
CA VAL A 314 6.55 1.79 11.08
C VAL A 314 7.90 2.16 11.71
N VAL A 315 8.55 1.18 12.30
CA VAL A 315 9.86 1.32 12.82
C VAL A 315 10.54 0.12 12.16
N THR A 316 11.57 0.40 11.34
CA THR A 316 12.29 -0.64 10.66
C THR A 316 13.61 -1.03 11.34
N LEU A 317 13.84 -2.32 11.44
CA LEU A 317 15.08 -2.86 12.07
C LEU A 317 16.14 -3.07 10.95
N ASN A 318 17.33 -2.55 11.14
CA ASN A 318 18.44 -2.71 10.15
C ASN A 318 19.09 -4.07 10.44
N LEU A 319 18.71 -5.07 9.65
CA LEU A 319 19.20 -6.41 9.89
C LEU A 319 20.68 -6.62 9.51
N PRO A 320 21.12 -6.16 8.31
CA PRO A 320 22.55 -6.38 8.04
C PRO A 320 23.35 -5.77 9.21
N ARG A 321 22.91 -4.62 9.67
CA ARG A 321 23.66 -3.99 10.73
C ARG A 321 23.73 -4.79 12.04
N ILE A 322 22.76 -5.64 12.34
CA ILE A 322 22.85 -6.40 13.57
C ILE A 322 24.01 -7.39 13.32
N ALA A 323 24.06 -7.93 12.11
CA ALA A 323 25.10 -8.88 11.78
C ALA A 323 26.52 -8.25 11.73
N LEU A 324 26.64 -7.05 11.16
CA LEU A 324 27.88 -6.33 11.04
C LEU A 324 28.43 -6.08 12.43
N ASP A 325 27.55 -5.62 13.31
CA ASP A 325 27.94 -5.28 14.70
C ASP A 325 28.28 -6.53 15.53
N SER A 326 28.11 -7.69 14.90
CA SER A 326 28.38 -8.98 15.52
C SER A 326 29.72 -9.54 15.04
N TYR A 327 30.38 -8.87 14.10
CA TYR A 327 31.68 -9.33 13.68
C TYR A 327 32.70 -8.99 14.77
N ILE A 328 33.65 -9.89 14.95
CA ILE A 328 34.79 -9.64 15.84
C ILE A 328 35.90 -9.74 14.78
N GLY A 329 36.61 -8.64 14.54
CA GLY A 329 37.61 -8.68 13.49
C GLY A 329 36.82 -8.99 12.24
N THR A 330 37.27 -9.93 11.39
CA THR A 330 36.57 -10.28 10.14
C THR A 330 35.73 -11.52 10.23
N GLN A 331 35.43 -11.86 11.46
CA GLN A 331 34.71 -13.07 11.72
C GLN A 331 33.35 -12.77 12.38
N PHE A 332 32.34 -13.48 11.92
CA PHE A 332 30.99 -13.36 12.44
C PHE A 332 30.88 -14.04 13.81
N ASN A 333 30.33 -13.37 14.83
CA ASN A 333 30.13 -14.04 16.11
C ASN A 333 28.62 -14.33 16.43
N GLU A 334 28.23 -15.58 16.26
CA GLU A 334 26.89 -16.02 16.49
C GLU A 334 26.27 -15.67 17.85
N GLN A 335 26.98 -15.90 18.95
CA GLN A 335 26.46 -15.57 20.27
C GLN A 335 26.29 -14.05 20.41
N LYS A 336 27.11 -13.28 19.71
CA LYS A 336 27.00 -11.83 19.81
C LYS A 336 25.69 -11.36 19.10
N PHE A 337 25.40 -12.01 17.99
CA PHE A 337 24.28 -11.73 17.17
C PHE A 337 22.98 -11.88 17.99
N VAL A 338 22.84 -13.04 18.67
CA VAL A 338 21.70 -13.35 19.49
C VAL A 338 21.50 -12.24 20.51
N GLU A 339 22.57 -11.72 21.07
CA GLU A 339 22.35 -10.66 22.05
C GLU A 339 21.93 -9.32 21.42
N LEU A 340 22.47 -9.02 20.25
CA LEU A 340 22.16 -7.76 19.60
C LEU A 340 20.72 -7.84 19.08
N PHE A 341 20.37 -9.00 18.51
CA PHE A 341 19.04 -9.24 18.00
C PHE A 341 18.02 -9.05 19.14
N ASN A 342 18.20 -9.75 20.26
CA ASN A 342 17.28 -9.59 21.38
C ASN A 342 17.29 -8.15 21.86
N GLU A 343 18.43 -7.53 21.99
CA GLU A 343 18.28 -6.21 22.54
C GLU A 343 17.65 -5.20 21.52
N ARG A 344 17.87 -5.43 20.23
CA ARG A 344 17.34 -4.53 19.26
C ARG A 344 15.84 -4.73 19.09
N MET A 345 15.40 -5.95 19.33
CA MET A 345 13.97 -6.20 19.29
C MET A 345 13.27 -5.37 20.41
N ASP A 346 13.82 -5.37 21.62
CA ASP A 346 13.17 -4.62 22.67
C ASP A 346 13.21 -3.15 22.38
N LEU A 347 14.25 -2.75 21.65
CA LEU A 347 14.44 -1.35 21.30
C LEU A 347 13.34 -0.89 20.31
N CYS A 348 13.07 -1.72 19.30
CA CYS A 348 12.04 -1.45 18.33
C CYS A 348 10.66 -1.32 18.99
N PHE A 349 10.46 -2.20 19.98
CA PHE A 349 9.21 -2.25 20.70
C PHE A 349 9.07 -0.93 21.43
N GLU A 350 10.16 -0.49 22.02
CA GLU A 350 10.15 0.74 22.78
C GLU A 350 9.86 1.95 21.86
N ALA A 351 10.41 1.92 20.64
CA ALA A 351 10.25 2.95 19.63
C ALA A 351 8.76 3.03 19.14
N LEU A 352 8.19 1.88 18.78
CA LEU A 352 6.81 1.81 18.37
C LEU A 352 5.90 2.30 19.53
N MET A 353 6.17 1.86 20.74
CA MET A 353 5.30 2.30 21.85
C MET A 353 5.40 3.78 22.19
N CYS A 354 6.55 4.35 21.95
CA CYS A 354 6.80 5.74 22.21
C CYS A 354 5.79 6.60 21.39
N ARG A 355 5.68 6.30 20.11
CA ARG A 355 4.77 7.01 19.26
C ARG A 355 3.30 6.70 19.52
N ILE A 356 3.00 5.46 19.87
CA ILE A 356 1.64 5.09 20.15
C ILE A 356 1.26 5.90 21.41
N SER A 357 2.22 6.14 22.29
CA SER A 357 1.93 6.89 23.48
C SER A 357 1.74 8.35 23.20
N SER A 358 2.30 8.81 22.09
CA SER A 358 2.16 10.22 21.71
C SER A 358 0.66 10.51 21.35
N LEU A 359 -0.10 9.46 20.99
CA LEU A 359 -1.52 9.58 20.66
C LEU A 359 -2.44 9.69 21.92
N LYS A 360 -1.96 9.44 23.15
CA LYS A 360 -2.84 9.54 24.31
C LYS A 360 -3.38 10.96 24.57
N GLY A 361 -4.68 11.09 24.79
CA GLY A 361 -5.23 12.40 25.07
C GLY A 361 -5.54 13.22 23.84
N VAL A 362 -5.28 12.72 22.63
CA VAL A 362 -5.57 13.43 21.40
C VAL A 362 -7.07 13.25 21.12
N LYS A 363 -7.71 14.32 20.71
CA LYS A 363 -9.14 14.32 20.49
C LYS A 363 -9.50 14.14 19.05
N ALA A 364 -10.73 13.65 18.82
CA ALA A 364 -11.16 13.49 17.45
C ALA A 364 -11.27 14.82 16.68
N THR A 365 -11.14 15.97 17.39
CA THR A 365 -11.17 17.31 16.74
C THR A 365 -9.97 17.47 15.73
N VAL A 366 -8.95 16.68 15.95
CA VAL A 366 -7.74 16.66 15.15
C VAL A 366 -7.94 16.34 13.65
N ALA A 367 -8.94 15.53 13.34
CA ALA A 367 -9.20 15.12 11.94
C ALA A 367 -10.70 14.67 11.87
N PRO A 368 -11.61 15.62 11.67
CA PRO A 368 -13.04 15.25 11.59
C PRO A 368 -13.36 14.21 10.47
N ILE A 369 -12.78 14.37 9.28
CA ILE A 369 -13.09 13.43 8.24
C ILE A 369 -12.78 12.01 8.71
N LEU A 370 -11.64 11.82 9.39
CA LEU A 370 -11.24 10.47 9.84
C LEU A 370 -11.99 9.89 11.03
N TYR A 371 -12.18 10.72 12.05
CA TYR A 371 -12.75 10.24 13.28
C TYR A 371 -14.24 10.48 13.55
N GLN A 372 -14.77 11.54 12.96
CA GLN A 372 -16.14 11.91 13.19
C GLN A 372 -17.06 11.60 12.01
N GLU A 373 -16.55 11.72 10.81
CA GLU A 373 -17.37 11.53 9.66
C GLU A 373 -17.26 10.22 8.95
N GLY A 374 -16.74 9.17 9.56
CA GLY A 374 -16.76 7.89 8.86
C GLY A 374 -15.60 7.27 8.08
N ALA A 375 -14.55 8.03 7.76
CA ALA A 375 -13.49 7.38 7.05
C ALA A 375 -12.86 6.19 7.85
N PHE A 376 -12.85 6.25 9.18
CA PHE A 376 -12.30 5.13 9.96
C PHE A 376 -13.43 4.19 10.39
N GLY A 377 -14.56 4.27 9.67
CA GLY A 377 -15.67 3.41 9.98
C GLY A 377 -16.40 3.55 11.31
N VAL A 378 -16.22 4.57 12.11
CA VAL A 378 -16.98 4.73 13.36
C VAL A 378 -17.32 6.21 13.45
N ARG A 379 -18.01 6.63 14.49
CA ARG A 379 -18.37 8.01 14.55
C ARG A 379 -18.09 8.41 15.95
N LEU A 380 -16.95 9.07 16.13
CA LEU A 380 -16.49 9.55 17.44
C LEU A 380 -16.98 10.95 17.66
N LYS A 381 -17.15 11.32 18.91
CA LYS A 381 -17.54 12.70 19.22
C LYS A 381 -16.27 13.56 19.40
N PRO A 382 -16.31 14.83 18.98
CA PRO A 382 -15.21 15.79 19.07
C PRO A 382 -14.28 15.54 20.27
N ASP A 383 -14.90 15.34 21.40
CA ASP A 383 -14.23 15.16 22.66
C ASP A 383 -13.81 13.71 23.04
N ASP A 384 -13.95 12.78 22.09
CA ASP A 384 -13.53 11.40 22.34
C ASP A 384 -11.99 11.31 22.03
N ASP A 385 -11.31 10.44 22.75
CA ASP A 385 -9.91 10.18 22.52
C ASP A 385 -9.78 9.23 21.34
N ILE A 386 -8.92 9.58 20.40
CA ILE A 386 -8.75 8.74 19.22
C ILE A 386 -8.05 7.45 19.51
N ILE A 387 -7.26 7.37 20.59
CA ILE A 387 -6.51 6.15 20.77
C ILE A 387 -7.42 4.94 21.06
N GLU A 388 -8.54 5.19 21.73
CA GLU A 388 -9.41 4.05 22.08
C GLU A 388 -9.86 3.31 20.83
N LEU A 389 -9.94 4.02 19.72
CA LEU A 389 -10.30 3.36 18.50
C LEU A 389 -9.29 2.36 17.95
N PHE A 390 -8.02 2.47 18.36
CA PHE A 390 -7.05 1.62 17.73
C PHE A 390 -6.75 0.37 18.51
N LYS A 391 -7.17 0.39 19.77
CA LYS A 391 -6.95 -0.70 20.66
C LYS A 391 -7.52 -2.05 20.28
N ASN A 392 -7.02 -3.06 20.99
CA ASN A 392 -7.43 -4.43 20.82
C ASN A 392 -7.42 -5.03 19.47
N GLY A 393 -6.30 -4.86 18.73
CA GLY A 393 -6.16 -5.41 17.39
C GLY A 393 -6.86 -4.64 16.29
N ARG A 394 -7.56 -3.53 16.57
CA ARG A 394 -8.22 -2.89 15.45
C ARG A 394 -7.21 -2.27 14.47
N SER A 395 -6.28 -1.49 14.99
CA SER A 395 -5.26 -0.95 14.08
C SER A 395 -4.06 -1.90 14.05
N SER A 396 -3.35 -1.97 12.91
CA SER A 396 -2.12 -2.75 12.92
C SER A 396 -0.98 -1.73 13.27
N VAL A 397 0.15 -2.30 13.67
CA VAL A 397 1.38 -1.59 14.06
C VAL A 397 2.54 -2.35 13.43
N SER A 398 3.39 -1.64 12.70
CA SER A 398 4.48 -2.25 11.99
C SER A 398 5.94 -2.31 12.43
N LEU A 399 6.48 -3.55 12.50
CA LEU A 399 7.91 -3.79 12.76
C LEU A 399 8.46 -4.09 11.36
N GLY A 400 9.18 -3.13 10.76
CA GLY A 400 9.76 -3.35 9.44
C GLY A 400 11.13 -4.02 9.56
N TYR A 401 11.68 -4.43 8.42
CA TYR A 401 13.02 -5.02 8.32
C TYR A 401 13.44 -4.89 6.84
N ILE A 402 14.72 -5.13 6.57
CA ILE A 402 15.22 -4.97 5.20
C ILE A 402 16.51 -5.75 5.09
N GLY A 403 16.94 -6.06 3.86
CA GLY A 403 18.21 -6.73 3.63
C GLY A 403 18.49 -8.18 4.05
N ILE A 404 17.53 -9.07 3.86
CA ILE A 404 17.76 -10.43 4.23
C ILE A 404 18.88 -11.02 3.33
N HIS A 405 18.93 -10.60 2.08
CA HIS A 405 19.98 -11.06 1.19
C HIS A 405 21.37 -10.73 1.82
N GLU A 406 21.60 -9.46 2.19
CA GLU A 406 22.85 -9.07 2.78
C GLU A 406 23.10 -9.71 4.17
N LEU A 407 22.03 -10.01 4.89
CA LEU A 407 22.16 -10.62 6.20
C LEU A 407 22.66 -12.06 6.01
N ASN A 408 22.09 -12.78 5.04
CA ASN A 408 22.45 -14.15 4.71
C ASN A 408 23.94 -14.23 4.39
N ILE A 409 24.41 -13.26 3.65
CA ILE A 409 25.78 -13.20 3.29
C ILE A 409 26.65 -12.99 4.52
N LEU A 410 26.31 -12.02 5.37
CA LEU A 410 27.11 -11.77 6.52
C LEU A 410 27.11 -12.89 7.56
N VAL A 411 26.12 -13.76 7.54
CA VAL A 411 26.08 -14.82 8.54
C VAL A 411 26.54 -16.11 7.90
N GLY A 412 26.66 -16.08 6.59
CA GLY A 412 27.13 -17.26 5.90
C GLY A 412 26.16 -18.35 5.56
N ARG A 413 24.90 -18.27 5.96
CA ARG A 413 23.92 -19.26 5.51
C ARG A 413 22.58 -18.53 5.34
N ASP A 414 21.57 -19.20 4.84
CA ASP A 414 20.30 -18.52 4.68
C ASP A 414 19.45 -18.67 5.95
N ILE A 415 19.28 -17.59 6.73
CA ILE A 415 18.46 -17.58 7.97
C ILE A 415 17.18 -16.68 7.88
N GLY A 416 16.85 -16.26 6.65
CA GLY A 416 15.70 -15.42 6.37
C GLY A 416 14.40 -15.88 7.05
N ARG A 417 13.94 -17.06 6.67
CA ARG A 417 12.71 -17.60 7.21
C ARG A 417 12.83 -17.74 8.69
N GLU A 418 14.05 -18.02 9.16
CA GLU A 418 14.21 -18.24 10.59
C GLU A 418 14.19 -17.01 11.46
N ILE A 419 14.93 -15.99 11.04
CA ILE A 419 15.03 -14.75 11.81
C ILE A 419 13.60 -14.11 11.86
N LEU A 420 12.90 -14.13 10.73
CA LEU A 420 11.54 -13.57 10.58
C LEU A 420 10.55 -14.29 11.50
N THR A 421 10.56 -15.64 11.44
CA THR A 421 9.72 -16.46 12.33
C THR A 421 9.95 -16.08 13.79
N LYS A 422 11.21 -15.84 14.14
CA LYS A 422 11.52 -15.43 15.50
C LYS A 422 10.98 -14.04 15.80
N MET A 423 11.00 -13.17 14.80
CA MET A 423 10.51 -11.82 15.03
C MET A 423 9.01 -11.93 15.33
N ASN A 424 8.31 -12.77 14.56
CA ASN A 424 6.90 -13.00 14.83
C ASN A 424 6.62 -13.43 16.26
N ALA A 425 7.45 -14.33 16.82
CA ALA A 425 7.21 -14.78 18.22
C ALA A 425 7.39 -13.59 19.13
N HIS A 426 8.32 -12.71 18.81
CA HIS A 426 8.41 -11.55 19.70
C HIS A 426 7.12 -10.70 19.56
N LEU A 427 6.69 -10.53 18.32
CA LEU A 427 5.55 -9.73 17.99
C LEU A 427 4.29 -10.26 18.73
N LYS A 428 4.14 -11.58 18.78
CA LYS A 428 3.02 -12.21 19.48
C LYS A 428 2.99 -11.77 20.95
N GLN A 429 4.14 -11.77 21.62
CA GLN A 429 4.16 -11.33 23.00
C GLN A 429 3.85 -9.85 23.11
N TRP A 430 4.37 -9.04 22.17
CA TRP A 430 4.10 -7.61 22.25
C TRP A 430 2.57 -7.36 22.19
N THR A 431 1.92 -8.04 21.27
CA THR A 431 0.50 -7.98 21.03
C THR A 431 -0.26 -8.42 22.29
N GLU A 432 0.18 -9.48 22.94
CA GLU A 432 -0.45 -9.98 24.16
C GLU A 432 -0.23 -9.03 25.33
N ARG A 433 0.90 -8.36 25.37
CA ARG A 433 1.20 -7.44 26.47
C ARG A 433 0.47 -6.11 26.32
N THR A 434 0.13 -5.72 25.09
CA THR A 434 -0.40 -4.37 24.93
C THR A 434 -1.76 -4.31 24.29
N GLY A 435 -2.11 -5.37 23.60
CA GLY A 435 -3.38 -5.38 22.91
C GLY A 435 -3.25 -4.80 21.52
N PHE A 436 -2.08 -4.21 21.15
CA PHE A 436 -1.97 -3.69 19.78
C PHE A 436 -1.52 -4.81 18.85
N ALA A 437 -2.08 -4.85 17.66
CA ALA A 437 -1.75 -5.90 16.69
C ALA A 437 -0.47 -5.58 15.91
N PHE A 438 0.67 -5.95 16.49
CA PHE A 438 1.98 -5.77 15.85
C PHE A 438 2.11 -6.82 14.76
N SER A 439 2.63 -6.47 13.60
CA SER A 439 2.84 -7.46 12.58
C SER A 439 4.19 -7.14 11.86
N LEU A 440 4.76 -8.16 11.21
CA LEU A 440 6.03 -8.07 10.53
C LEU A 440 5.77 -7.50 9.19
N TYR A 441 6.51 -6.43 8.89
CA TYR A 441 6.26 -5.66 7.69
C TYR A 441 7.45 -5.50 6.79
N SER A 442 7.28 -5.86 5.52
CA SER A 442 8.35 -5.77 4.52
C SER A 442 8.47 -4.33 3.98
N THR A 443 9.21 -3.47 4.72
CA THR A 443 9.35 -2.06 4.39
C THR A 443 9.62 -1.73 2.94
N PRO A 444 8.84 -0.83 2.33
CA PRO A 444 9.09 -0.49 0.91
C PRO A 444 10.54 0.06 0.80
N ALA A 445 10.94 0.90 1.74
CA ALA A 445 12.28 1.43 1.80
C ALA A 445 12.83 1.96 0.47
N GLU A 446 12.10 2.90 -0.11
CA GLU A 446 12.47 3.53 -1.39
C GLU A 446 13.81 4.29 -1.15
N ASN A 447 13.92 4.94 0.01
CA ASN A 447 15.15 5.64 0.33
C ASN A 447 15.93 4.94 1.45
N LEU A 448 15.24 4.29 2.35
CA LEU A 448 15.90 3.67 3.46
C LEU A 448 16.98 2.70 2.97
N CYS A 449 16.73 2.11 1.80
CA CYS A 449 17.69 1.18 1.22
C CYS A 449 19.11 1.81 1.05
N TYR A 450 19.15 3.13 0.80
CA TYR A 450 20.40 3.87 0.68
C TYR A 450 20.89 4.36 2.05
N ARG A 451 19.97 4.91 2.81
CA ARG A 451 20.29 5.46 4.11
C ARG A 451 20.91 4.44 5.09
N PHE A 452 20.43 3.19 5.11
CA PHE A 452 20.99 2.20 6.03
C PHE A 452 22.41 1.84 5.56
N CYS A 453 22.54 1.60 4.28
CA CYS A 453 23.79 1.26 3.69
C CYS A 453 24.87 2.35 3.89
N LYS A 454 24.51 3.60 3.68
CA LYS A 454 25.42 4.71 3.84
C LYS A 454 25.83 4.92 5.31
N LEU A 455 24.95 4.66 6.27
CA LEU A 455 25.37 4.85 7.64
C LEU A 455 26.19 3.63 8.10
N ASP A 456 25.94 2.45 7.53
CA ASP A 456 26.68 1.26 7.93
C ASP A 456 28.10 1.41 7.35
N THR A 457 28.17 2.06 6.19
CA THR A 457 29.40 2.31 5.50
C THR A 457 30.29 3.35 6.24
N GLU A 458 29.69 4.31 6.93
CA GLU A 458 30.53 5.27 7.62
C GLU A 458 31.28 4.58 8.73
N LYS A 459 30.90 3.36 9.02
CA LYS A 459 31.50 2.67 10.14
C LYS A 459 32.35 1.47 9.76
N TYR A 460 31.99 0.82 8.68
CA TYR A 460 32.61 -0.40 8.25
C TYR A 460 33.13 -0.26 6.85
N GLY A 461 32.80 0.85 6.18
CA GLY A 461 33.32 1.02 4.83
C GLY A 461 32.73 0.06 3.81
N SER A 462 33.47 -0.11 2.72
CA SER A 462 33.02 -0.96 1.64
C SER A 462 33.12 -2.43 2.08
N VAL A 463 32.00 -3.15 2.12
CA VAL A 463 32.03 -4.55 2.52
C VAL A 463 31.53 -5.29 1.30
N LYS A 464 32.35 -6.18 0.78
CA LYS A 464 32.00 -6.94 -0.42
C LYS A 464 30.63 -7.63 -0.32
N ASP A 465 29.80 -7.40 -1.35
CA ASP A 465 28.44 -7.96 -1.46
C ASP A 465 27.36 -7.42 -0.48
N VAL A 466 27.76 -6.59 0.46
CA VAL A 466 26.87 -6.00 1.44
C VAL A 466 26.70 -4.48 1.22
N THR A 467 27.65 -3.66 1.68
CA THR A 467 27.55 -2.20 1.50
C THR A 467 28.24 -1.62 0.26
N ASP A 468 28.96 -2.49 -0.46
CA ASP A 468 29.74 -2.02 -1.63
C ASP A 468 28.91 -1.42 -2.72
N LYS A 469 27.81 -2.11 -3.05
CA LYS A 469 26.89 -1.64 -4.09
C LYS A 469 26.19 -0.36 -3.73
N GLY A 470 26.16 0.03 -2.44
CA GLY A 470 25.52 1.26 -2.03
C GLY A 470 24.08 1.22 -1.48
N TRP A 471 23.41 0.07 -1.59
CA TRP A 471 22.05 -0.08 -1.05
C TRP A 471 21.78 -1.49 -0.51
N TYR A 472 20.76 -1.66 0.34
CA TYR A 472 20.44 -3.00 0.80
C TYR A 472 19.25 -3.52 0.00
N THR A 473 19.18 -4.81 -0.19
CA THR A 473 18.09 -5.42 -0.94
C THR A 473 16.86 -5.30 -0.08
N ASN A 474 15.73 -5.09 -0.72
CA ASN A 474 14.47 -4.93 -0.03
C ASN A 474 14.05 -6.25 0.63
N SER A 475 13.56 -6.12 1.87
CA SER A 475 13.05 -7.20 2.70
C SER A 475 13.63 -8.61 2.46
N PHE A 476 12.88 -9.50 1.85
CA PHE A 476 13.30 -10.85 1.57
C PHE A 476 13.50 -11.05 0.09
N HIS A 477 13.52 -10.00 -0.70
CA HIS A 477 13.68 -10.20 -2.15
C HIS A 477 15.01 -10.84 -2.52
N VAL A 478 15.05 -11.61 -3.61
CA VAL A 478 16.33 -12.17 -3.98
C VAL A 478 16.98 -10.98 -4.62
N SER A 479 18.23 -10.72 -4.26
CA SER A 479 18.89 -9.57 -4.82
C SER A 479 18.72 -9.54 -6.32
N VAL A 480 18.83 -8.34 -6.90
CA VAL A 480 18.77 -8.21 -8.36
C VAL A 480 20.09 -8.93 -8.71
N GLU A 481 20.91 -8.39 -9.60
CA GLU A 481 22.18 -9.06 -9.88
C GLU A 481 22.18 -10.59 -9.62
N GLU A 482 21.12 -11.28 -10.00
CA GLU A 482 21.06 -12.72 -9.79
C GLU A 482 20.28 -13.27 -10.96
N ASN A 483 21.01 -13.88 -11.90
CA ASN A 483 20.41 -14.47 -13.09
C ASN A 483 19.38 -15.56 -12.71
N ILE A 484 18.21 -15.16 -12.24
CA ILE A 484 17.20 -16.15 -11.83
C ILE A 484 15.98 -16.07 -12.73
N THR A 485 15.36 -17.20 -13.03
CA THR A 485 14.20 -17.15 -13.88
C THR A 485 13.06 -16.69 -12.99
N PRO A 486 11.98 -16.14 -13.58
CA PRO A 486 10.78 -15.64 -12.90
C PRO A 486 10.12 -16.60 -11.91
N PHE A 487 9.96 -17.86 -12.33
CA PHE A 487 9.30 -18.89 -11.52
C PHE A 487 10.16 -19.32 -10.36
N GLU A 488 11.45 -19.22 -10.59
CA GLU A 488 12.44 -19.59 -9.60
C GLU A 488 12.42 -18.52 -8.48
N LYS A 489 12.41 -17.27 -8.93
CA LYS A 489 12.39 -16.12 -8.06
C LYS A 489 11.10 -16.15 -7.24
N ILE A 490 10.01 -16.51 -7.92
CA ILE A 490 8.71 -16.58 -7.27
C ILE A 490 8.71 -17.70 -6.27
N SER A 491 9.30 -18.82 -6.66
CA SER A 491 9.30 -19.95 -5.78
C SER A 491 10.15 -19.71 -4.53
N ARG A 492 11.24 -18.96 -4.71
CA ARG A 492 12.13 -18.60 -3.59
C ARG A 492 11.49 -17.59 -2.62
N GLU A 493 10.72 -16.65 -3.16
CA GLU A 493 10.16 -15.61 -2.30
C GLU A 493 8.85 -15.93 -1.66
N ALA A 494 8.07 -16.76 -2.31
CA ALA A 494 6.75 -17.10 -1.81
C ALA A 494 6.58 -17.41 -0.33
N PRO A 495 7.52 -18.15 0.29
CA PRO A 495 7.28 -18.44 1.71
C PRO A 495 7.28 -17.26 2.63
N TYR A 496 7.97 -16.23 2.20
CA TYR A 496 8.04 -15.04 3.01
C TYR A 496 6.67 -14.33 3.11
N HIS A 497 5.79 -14.53 2.12
CA HIS A 497 4.45 -13.91 2.14
C HIS A 497 3.60 -14.51 3.29
N PHE A 498 3.90 -15.73 3.70
CA PHE A 498 3.16 -16.39 4.76
C PHE A 498 3.83 -16.11 6.08
N ILE A 499 5.00 -15.46 6.00
CA ILE A 499 5.69 -15.11 7.24
C ILE A 499 5.55 -13.65 7.68
N ALA A 500 5.97 -12.74 6.80
CA ALA A 500 5.87 -11.27 7.00
C ALA A 500 4.38 -10.88 6.70
N THR A 501 3.50 -11.24 7.62
CA THR A 501 2.10 -11.04 7.40
C THR A 501 1.64 -9.60 7.34
N GLY A 502 2.38 -8.69 7.95
CA GLY A 502 1.96 -7.29 7.91
C GLY A 502 2.17 -6.53 6.60
N GLY A 503 2.95 -7.07 5.67
CA GLY A 503 3.16 -6.40 4.39
C GLY A 503 4.22 -7.11 3.57
N HIS A 504 3.97 -7.36 2.29
CA HIS A 504 4.94 -8.06 1.45
C HIS A 504 4.53 -7.98 0.01
N ILE A 505 5.49 -8.09 -0.86
CA ILE A 505 5.23 -8.13 -2.29
C ILE A 505 6.38 -8.86 -3.01
N SER A 506 6.08 -9.35 -4.21
CA SER A 506 7.13 -9.97 -5.03
C SER A 506 7.07 -9.39 -6.41
N TYR A 507 8.25 -9.06 -6.90
CA TYR A 507 8.47 -8.54 -8.23
C TYR A 507 9.31 -9.50 -9.09
N VAL A 508 9.02 -9.43 -10.37
CA VAL A 508 9.72 -10.20 -11.39
C VAL A 508 10.05 -9.14 -12.46
N GLU A 509 11.26 -9.19 -13.01
CA GLU A 509 11.65 -8.26 -14.06
C GLU A 509 11.34 -8.99 -15.35
N LEU A 510 10.76 -8.31 -16.32
CA LEU A 510 10.42 -8.94 -17.60
C LEU A 510 10.67 -7.92 -18.72
N PRO A 511 10.95 -8.39 -19.93
CA PRO A 511 11.20 -7.45 -21.05
C PRO A 511 9.83 -7.06 -21.59
N ASP A 512 9.80 -6.38 -22.73
CA ASP A 512 8.50 -5.99 -23.30
C ASP A 512 7.58 -7.20 -23.48
N MET A 513 6.46 -7.18 -22.82
CA MET A 513 5.56 -8.27 -22.96
C MET A 513 4.33 -7.77 -23.73
N LYS A 514 4.44 -6.65 -24.40
CA LYS A 514 3.25 -6.16 -25.08
C LYS A 514 2.73 -7.12 -26.14
N ASN A 515 3.62 -7.79 -26.86
CA ASN A 515 3.14 -8.72 -27.87
C ASN A 515 3.27 -10.15 -27.40
N ASN A 516 3.32 -10.31 -26.09
CA ASN A 516 3.46 -11.63 -25.52
C ASN A 516 2.65 -11.73 -24.24
N LEU A 517 1.38 -11.34 -24.29
CA LEU A 517 0.53 -11.40 -23.11
C LEU A 517 0.37 -12.78 -22.47
N LYS A 518 0.61 -13.84 -23.22
CA LYS A 518 0.49 -15.18 -22.68
C LYS A 518 1.66 -15.43 -21.73
N GLY A 519 2.80 -14.81 -22.05
CA GLY A 519 4.00 -14.96 -21.25
C GLY A 519 3.72 -14.38 -19.87
N LEU A 520 3.30 -13.12 -19.90
CA LEU A 520 2.95 -12.37 -18.71
C LEU A 520 1.91 -13.19 -17.94
N GLU A 521 0.90 -13.67 -18.65
CA GLU A 521 -0.12 -14.43 -17.94
C GLU A 521 0.47 -15.67 -17.30
N ALA A 522 1.44 -16.29 -17.97
CA ALA A 522 2.03 -17.47 -17.37
C ALA A 522 2.58 -17.15 -15.97
N VAL A 523 3.35 -16.05 -15.87
CA VAL A 523 3.96 -15.58 -14.61
C VAL A 523 2.88 -15.26 -13.54
N TRP A 524 1.88 -14.47 -13.92
CA TRP A 524 0.79 -14.18 -12.99
C TRP A 524 0.25 -15.49 -12.40
N ASP A 525 -0.19 -16.38 -13.29
CA ASP A 525 -0.75 -17.67 -12.91
C ASP A 525 0.12 -18.38 -11.89
N TYR A 526 1.43 -18.42 -12.14
CA TYR A 526 2.33 -19.09 -11.21
C TYR A 526 2.32 -18.32 -9.85
N ALA A 527 2.49 -16.99 -9.92
CA ALA A 527 2.45 -16.11 -8.76
C ALA A 527 1.17 -16.32 -7.94
N ALA A 528 0.05 -16.22 -8.63
CA ALA A 528 -1.27 -16.38 -7.99
C ALA A 528 -1.35 -17.70 -7.22
N GLN A 529 -0.78 -18.74 -7.81
CA GLN A 529 -0.82 -20.00 -7.13
C GLN A 529 0.09 -20.06 -5.91
N HIS A 530 1.28 -19.47 -6.00
CA HIS A 530 2.19 -19.57 -4.88
C HIS A 530 2.31 -18.48 -3.79
N LEU A 531 1.92 -17.25 -4.13
CA LEU A 531 2.05 -16.19 -3.16
C LEU A 531 0.88 -15.25 -3.08
N ASP A 532 1.04 -14.21 -2.26
CA ASP A 532 -0.02 -13.26 -2.00
C ASP A 532 -0.10 -12.09 -2.94
N TYR A 533 0.90 -11.23 -2.90
CA TYR A 533 0.81 -9.97 -3.63
C TYR A 533 1.92 -9.88 -4.63
N PHE A 534 1.54 -9.59 -5.88
CA PHE A 534 2.55 -9.65 -6.91
C PHE A 534 2.42 -8.60 -7.97
N GLY A 535 3.55 -8.20 -8.51
CA GLY A 535 3.59 -7.23 -9.60
C GLY A 535 4.78 -7.54 -10.51
N VAL A 536 4.76 -6.97 -11.71
CA VAL A 536 5.78 -7.21 -12.70
C VAL A 536 6.44 -5.94 -13.25
N ASN A 537 7.76 -5.90 -13.16
CA ASN A 537 8.50 -4.77 -13.65
C ASN A 537 8.95 -4.96 -15.09
N MET A 538 8.52 -4.08 -15.98
CA MET A 538 8.91 -4.16 -17.38
C MET A 538 9.17 -2.75 -17.78
N PRO A 539 9.79 -2.56 -18.95
CA PRO A 539 10.04 -1.16 -19.37
C PRO A 539 8.73 -0.59 -19.95
N VAL A 540 8.45 0.66 -19.65
CA VAL A 540 7.22 1.30 -20.10
C VAL A 540 7.59 2.68 -20.65
N ASP A 541 7.88 2.73 -21.95
CA ASP A 541 8.29 3.93 -22.66
C ASP A 541 7.52 4.29 -23.92
N LYS A 542 7.67 5.55 -24.35
CA LYS A 542 7.07 6.10 -25.56
C LYS A 542 7.99 7.18 -26.24
N CYS A 543 8.40 6.98 -27.53
CA CYS A 543 9.23 7.93 -28.40
C CYS A 543 8.07 8.92 -28.63
N PHE A 544 8.14 10.17 -28.15
CA PHE A 544 7.02 11.08 -28.47
C PHE A 544 7.27 11.51 -29.95
N THR A 545 8.00 10.69 -30.69
CA THR A 545 8.32 10.95 -32.10
C THR A 545 8.54 9.62 -32.90
N MET A 572 9.55 12.24 -24.70
CA MET A 572 9.45 10.81 -24.30
C MET A 572 8.93 10.52 -22.88
N ASN A 573 8.30 9.36 -22.67
CA ASN A 573 7.79 8.98 -21.33
C ASN A 573 8.45 7.65 -20.91
N THR A 574 9.42 7.73 -20.00
CA THR A 574 10.17 6.56 -19.57
C THR A 574 9.93 6.15 -18.11
N ILE A 575 9.20 5.07 -17.90
CA ILE A 575 8.90 4.65 -16.54
C ILE A 575 9.52 3.33 -16.12
N ARG A 576 9.95 3.25 -14.87
CA ARG A 576 10.54 2.02 -14.32
C ARG A 576 10.12 1.85 -12.86
N ARG A 577 9.98 0.62 -12.40
CA ARG A 577 9.71 0.44 -10.97
C ARG A 577 11.02 -0.14 -10.44
N THR A 578 11.92 0.74 -10.04
CA THR A 578 13.19 0.27 -9.55
C THR A 578 13.08 -0.16 -8.10
N CYS A 579 12.35 0.60 -7.31
CA CYS A 579 12.21 0.17 -5.93
C CYS A 579 10.71 -0.15 -5.65
N ALA A 580 9.96 0.77 -5.05
CA ALA A 580 8.56 0.52 -4.74
C ALA A 580 7.53 1.20 -5.69
N TYR A 581 7.81 2.43 -6.14
CA TYR A 581 6.88 3.16 -7.02
C TYR A 581 7.39 3.27 -8.45
N LEU A 582 6.52 3.74 -9.33
CA LEU A 582 6.93 3.94 -10.67
C LEU A 582 7.71 5.27 -10.65
N GLY A 583 8.64 5.44 -11.56
CA GLY A 583 9.38 6.67 -11.59
C GLY A 583 10.13 6.77 -12.88
N ASN A 584 10.54 7.98 -13.23
CA ASN A 584 11.32 8.23 -14.45
C ASN A 584 12.77 8.04 -14.03
N PRO A 585 13.37 6.89 -14.34
CA PRO A 585 14.76 6.61 -13.96
C PRO A 585 15.76 7.65 -14.43
N ASN A 586 15.33 8.57 -15.30
CA ASN A 586 16.19 9.64 -15.79
C ASN A 586 16.54 10.64 -14.66
N GLU A 587 15.74 10.64 -13.57
CA GLU A 587 15.94 11.54 -12.42
C GLU A 587 16.73 10.99 -11.21
#